data_3QCZ
#
_entry.id   3QCZ
#
_cell.length_a   62.861
_cell.length_b   83.237
_cell.length_c   126.990
_cell.angle_alpha   90.00
_cell.angle_beta   90.00
_cell.angle_gamma   90.00
#
_symmetry.space_group_name_H-M   'P 21 21 21'
#
loop_
_entity.id
_entity.type
_entity.pdbx_description
1 polymer 'Dihydrofolate synthase / folylpolyglutamate synthase'
2 non-polymer 'PHOSPHOAMINOPHOSPHONIC ACID-ADENYLATE ESTER'
3 non-polymer 'MANGANESE (II) ION'
4 non-polymer GLYCEROL
5 non-polymer 'GLUTAMIC ACID'
6 water water
#
_entity_poly.entity_id   1
_entity_poly.type   'polypeptide(L)'
_entity_poly.pdbx_seq_one_letter_code
;SNAMNNHQTPQATSPLAAWLCYLEHLHSQPIELGLERVKQVAERLDLLKPAPKIFTVAGTNGKGTTCCTLEAILLAAGLR
VGVYSSPHLLRYTERVRIQGQELSEAEHSHSFAQIEAGRGDISLTYFEFGTLSALQLFKQAKLDVVILEVGLGGRLDATN
IVDSDVAAITSIALDHTDWLGYDRESIGREKAGVFRGGKPAVVGEPDMPQSIADVAAELGAQLYRRDVAWKFSQQEPFDQ
QEPVDQQINGWHWQCGERQLTGLPVPNVPLANAATALAVLHYSELPLSDEAIRQGLQAASLPGRFQVVSEQPLLILDVAH
NPHAARYLVNRLAQVINPVNASKQGKVRAVVGMLSDKDIAGTLACLSERVDEWYCAPLEGPRGASAGQLAEHLVSARQFS
DVETAWRQAMQDADTQDVVIVCGSFHTVAHVMAALHL
;
_entity_poly.pdbx_strand_id   A
#
loop_
_chem_comp.id
_chem_comp.type
_chem_comp.name
_chem_comp.formula
ANP non-polymer 'PHOSPHOAMINOPHOSPHONIC ACID-ADENYLATE ESTER' 'C10 H17 N6 O12 P3'
GOL non-polymer GLYCEROL 'C3 H8 O3'
MN non-polymer 'MANGANESE (II) ION' 'Mn 2'
#
# COMPACT_ATOMS: atom_id res chain seq x y z
N GLN A 8 22.04 22.20 9.10
CA GLN A 8 23.01 21.63 8.13
C GLN A 8 22.26 20.63 7.17
N THR A 9 22.38 20.86 5.87
CA THR A 9 21.93 19.87 4.91
C THR A 9 22.85 18.65 5.08
N PRO A 10 22.29 17.45 5.26
CA PRO A 10 23.14 16.25 5.41
C PRO A 10 23.97 15.94 4.15
N GLN A 11 24.91 15.03 4.29
CA GLN A 11 25.74 14.60 3.15
C GLN A 11 25.66 13.10 2.82
N ALA A 12 26.37 12.70 1.77
CA ALA A 12 26.37 11.33 1.30
C ALA A 12 26.69 10.38 2.43
N THR A 13 27.57 10.83 3.33
CA THR A 13 28.09 9.98 4.39
C THR A 13 27.29 10.11 5.72
N SER A 14 26.31 11.00 5.81
CA SER A 14 25.53 11.13 7.02
C SER A 14 24.58 9.95 7.24
N PRO A 15 24.16 9.74 8.52
CA PRO A 15 23.27 8.68 8.83
C PRO A 15 21.92 8.86 8.08
N LEU A 16 21.25 7.77 7.75
CA LEU A 16 19.97 7.91 7.06
C LEU A 16 18.97 8.71 7.93
N ALA A 17 19.01 8.51 9.26
CA ALA A 17 18.15 9.25 10.21
C ALA A 17 18.30 10.78 9.99
N ALA A 18 19.51 11.24 9.63
CA ALA A 18 19.70 12.72 9.40
C ALA A 18 19.01 13.15 8.11
N TRP A 19 19.07 12.29 7.12
CA TRP A 19 18.35 12.62 5.89
C TRP A 19 16.87 12.68 6.08
N LEU A 20 16.33 11.74 6.83
CA LEU A 20 14.89 11.74 7.09
C LEU A 20 14.43 12.94 7.90
N CYS A 21 15.23 13.38 8.85
CA CYS A 21 14.91 14.59 9.59
C CYS A 21 14.92 15.81 8.61
N TYR A 22 15.94 15.89 7.74
CA TYR A 22 15.98 16.96 6.74
C TYR A 22 14.75 16.94 5.81
N LEU A 23 14.39 15.74 5.36
CA LEU A 23 13.22 15.60 4.48
C LEU A 23 11.88 15.88 5.22
N GLU A 24 11.78 15.52 6.51
CA GLU A 24 10.57 15.74 7.31
C GLU A 24 10.34 17.24 7.65
N HIS A 25 11.33 18.09 7.40
CA HIS A 25 11.23 19.53 7.66
C HIS A 25 11.16 20.35 6.37
N LEU A 26 11.03 19.68 5.22
CA LEU A 26 10.99 20.34 3.91
C LEU A 26 9.73 21.23 3.79
N HIS A 27 9.99 22.54 3.97
CA HIS A 27 9.00 23.63 4.06
C HIS A 27 8.05 23.73 2.84
N SER A 28 6.75 23.46 3.05
CA SER A 28 5.72 23.50 1.99
C SER A 28 4.58 24.48 2.32
N GLU A 32 1.95 25.37 -5.21
CA GLU A 32 2.80 24.21 -5.24
C GLU A 32 1.97 22.99 -5.54
N LEU A 33 1.67 22.73 -6.80
CA LEU A 33 0.85 21.55 -7.08
C LEU A 33 1.26 20.57 -8.16
N GLY A 34 1.67 21.06 -9.33
CA GLY A 34 2.02 20.20 -10.45
C GLY A 34 3.18 19.24 -10.29
N LEU A 35 3.70 18.76 -11.40
CA LEU A 35 4.75 17.78 -11.39
C LEU A 35 5.92 18.35 -12.12
N GLU A 36 5.82 19.60 -12.56
CA GLU A 36 6.91 20.16 -13.36
C GLU A 36 8.24 20.16 -12.58
N ARG A 37 8.22 20.42 -11.31
CA ARG A 37 9.47 20.45 -10.61
C ARG A 37 10.12 19.08 -10.51
N VAL A 38 9.40 18.11 -9.97
CA VAL A 38 9.97 16.81 -9.81
C VAL A 38 10.37 16.23 -11.16
N LYS A 39 9.59 16.48 -12.23
CA LYS A 39 9.92 15.98 -13.57
C LYS A 39 11.28 16.56 -14.02
N GLN A 40 11.45 17.86 -13.81
CA GLN A 40 12.70 18.55 -14.24
C GLN A 40 13.95 17.99 -13.54
N VAL A 41 13.86 17.70 -12.25
CA VAL A 41 14.96 17.01 -11.56
C VAL A 41 15.22 15.63 -12.17
N ALA A 42 14.17 14.87 -12.36
CA ALA A 42 14.26 13.55 -12.96
C ALA A 42 14.99 13.65 -14.30
N GLU A 43 14.56 14.61 -15.11
CA GLU A 43 15.14 14.79 -16.44
C GLU A 43 16.64 15.06 -16.32
N ARG A 44 17.06 15.81 -15.31
CA ARG A 44 18.48 16.16 -15.16
C ARG A 44 19.32 14.93 -14.83
N LEU A 45 18.76 14.06 -14.01
CA LEU A 45 19.48 12.91 -13.55
C LEU A 45 19.18 11.65 -14.39
N ASP A 46 18.48 11.82 -15.50
CA ASP A 46 18.16 10.72 -16.40
C ASP A 46 17.50 9.57 -15.60
N LEU A 47 16.49 9.91 -14.82
CA LEU A 47 15.78 8.93 -13.97
C LEU A 47 14.40 8.43 -14.49
N LEU A 48 13.95 8.87 -15.68
CA LEU A 48 12.59 8.51 -16.13
C LEU A 48 12.39 7.09 -16.68
N LYS A 49 13.48 6.33 -16.88
CA LYS A 49 13.39 4.98 -17.36
C LYS A 49 14.15 4.02 -16.47
N PRO A 50 13.72 3.87 -15.21
CA PRO A 50 14.36 2.93 -14.34
C PRO A 50 14.48 1.48 -14.82
N ALA A 51 13.57 1.01 -15.67
CA ALA A 51 13.65 -0.34 -16.19
C ALA A 51 12.94 -0.36 -17.56
N PRO A 52 13.17 -1.40 -18.39
CA PRO A 52 12.41 -1.36 -19.67
C PRO A 52 10.96 -1.68 -19.53
N LYS A 53 10.50 -2.23 -18.39
CA LYS A 53 9.05 -2.41 -18.20
C LYS A 53 8.69 -1.80 -16.84
N ILE A 54 7.70 -0.94 -16.81
CA ILE A 54 7.25 -0.22 -15.62
C ILE A 54 5.75 -0.45 -15.43
N PHE A 55 5.35 -0.87 -14.22
CA PHE A 55 3.94 -0.99 -13.80
C PHE A 55 3.67 -0.06 -12.69
N THR A 56 2.59 0.73 -12.80
CA THR A 56 2.23 1.75 -11.81
C THR A 56 0.90 1.43 -11.24
N VAL A 57 0.79 1.41 -9.93
CA VAL A 57 -0.38 0.91 -9.25
C VAL A 57 -0.92 1.94 -8.28
N ALA A 58 -2.16 2.35 -8.56
CA ALA A 58 -2.95 3.29 -7.82
C ALA A 58 -4.10 2.60 -7.18
N GLY A 59 -4.74 3.27 -6.27
CA GLY A 59 -5.94 2.71 -5.62
C GLY A 59 -6.02 3.21 -4.19
N THR A 60 -7.21 3.10 -3.57
CA THR A 60 -7.37 3.53 -2.18
C THR A 60 -6.75 2.46 -1.23
N ASN A 61 -7.23 1.22 -1.33
CA ASN A 61 -6.71 0.04 -0.68
C ASN A 61 -6.23 -0.99 -1.73
N GLY A 62 -5.21 -1.72 -1.35
CA GLY A 62 -4.80 -2.87 -2.15
C GLY A 62 -3.57 -2.57 -2.99
N LYS A 63 -3.00 -1.36 -2.92
CA LYS A 63 -1.81 -1.08 -3.74
C LYS A 63 -0.61 -1.99 -3.37
N GLY A 64 -0.24 -1.99 -2.11
CA GLY A 64 0.90 -2.73 -1.59
C GLY A 64 0.85 -4.22 -1.90
N THR A 65 -0.28 -4.87 -1.60
CA THR A 65 -0.42 -6.28 -1.81
C THR A 65 -0.59 -6.63 -3.30
N THR A 66 -1.15 -5.74 -4.09
CA THR A 66 -1.15 -5.96 -5.53
C THR A 66 0.32 -5.95 -6.01
N CYS A 67 1.09 -4.92 -5.59
CA CYS A 67 2.50 -4.84 -5.98
C CYS A 67 3.34 -6.04 -5.52
N CYS A 68 3.08 -6.54 -4.32
CA CYS A 68 3.83 -7.66 -3.84
C CYS A 68 3.50 -8.95 -4.56
N THR A 69 2.31 -9.05 -5.14
CA THR A 69 1.95 -10.27 -5.90
C THR A 69 2.65 -10.19 -7.25
N LEU A 70 2.58 -9.03 -7.90
CA LEU A 70 3.40 -8.81 -9.12
C LEU A 70 4.84 -9.15 -8.91
N GLU A 71 5.42 -8.60 -7.85
CA GLU A 71 6.82 -8.87 -7.51
C GLU A 71 7.13 -10.37 -7.34
N ALA A 72 6.32 -11.08 -6.55
CA ALA A 72 6.56 -12.49 -6.24
C ALA A 72 6.52 -13.30 -7.52
N ILE A 73 5.57 -12.99 -8.40
CA ILE A 73 5.47 -13.74 -9.67
C ILE A 73 6.66 -13.45 -10.61
N LEU A 74 7.00 -12.18 -10.74
CA LEU A 74 8.08 -11.81 -11.63
C LEU A 74 9.43 -12.32 -11.12
N LEU A 75 9.63 -12.33 -9.80
CA LEU A 75 10.85 -12.88 -9.24
C LEU A 75 10.88 -14.41 -9.51
N ALA A 76 9.76 -15.09 -9.34
CA ALA A 76 9.65 -16.55 -9.61
C ALA A 76 9.98 -16.84 -11.06
N ALA A 77 9.70 -15.88 -11.94
CA ALA A 77 9.98 -16.03 -13.35
C ALA A 77 11.45 -15.73 -13.70
N GLY A 78 12.27 -15.43 -12.69
CA GLY A 78 13.71 -15.22 -12.93
C GLY A 78 14.06 -13.81 -13.36
N LEU A 79 13.21 -12.83 -13.15
CA LEU A 79 13.50 -11.48 -13.59
C LEU A 79 14.13 -10.67 -12.45
N ARG A 80 14.75 -9.56 -12.80
CA ARG A 80 15.25 -8.59 -11.84
C ARG A 80 14.19 -7.53 -11.69
N VAL A 81 13.72 -7.39 -10.47
CA VAL A 81 12.53 -6.59 -10.12
C VAL A 81 12.78 -5.61 -9.00
N GLY A 82 12.31 -4.41 -9.18
CA GLY A 82 12.33 -3.37 -8.10
C GLY A 82 10.88 -3.02 -7.77
N VAL A 83 10.63 -2.79 -6.50
CA VAL A 83 9.39 -2.26 -6.04
C VAL A 83 9.59 -1.05 -5.15
N TYR A 84 8.80 -0.05 -5.44
CA TYR A 84 8.71 1.17 -4.66
C TYR A 84 7.43 1.14 -3.92
N SER A 85 7.49 1.34 -2.64
CA SER A 85 6.34 1.19 -1.82
C SER A 85 6.25 2.22 -0.70
N SER A 86 5.05 2.43 -0.16
CA SER A 86 4.79 3.35 0.91
C SER A 86 3.38 3.07 1.51
N PRO A 87 3.22 3.56 2.75
CA PRO A 87 4.21 4.12 3.68
C PRO A 87 5.05 2.95 4.28
N HIS A 88 5.83 3.18 5.35
CA HIS A 88 6.65 2.06 5.92
C HIS A 88 6.23 1.81 7.38
N LEU A 89 6.48 0.63 7.85
CA LEU A 89 6.17 0.28 9.25
C LEU A 89 7.27 0.72 10.22
N LEU A 90 8.46 0.12 10.10
CA LEU A 90 9.53 0.43 11.06
C LEU A 90 10.76 1.10 10.42
N ARG A 91 11.02 0.88 9.13
CA ARG A 91 12.24 1.40 8.50
C ARG A 91 11.95 1.99 7.14
N TYR A 92 12.59 3.13 6.84
CA TYR A 92 12.39 3.78 5.58
C TYR A 92 12.92 2.86 4.49
N THR A 93 13.91 2.01 4.83
CA THR A 93 14.45 1.10 3.83
C THR A 93 13.43 0.07 3.31
N GLU A 94 12.32 -0.08 4.00
CA GLU A 94 11.19 -0.90 3.43
C GLU A 94 10.68 -0.36 2.10
N ARG A 95 10.86 0.94 1.84
CA ARG A 95 10.19 1.54 0.68
C ARG A 95 10.80 1.15 -0.65
N VAL A 96 11.98 0.56 -0.65
CA VAL A 96 12.59 0.17 -1.92
C VAL A 96 13.10 -1.27 -1.80
N ARG A 97 12.53 -2.18 -2.58
CA ARG A 97 12.96 -3.56 -2.59
C ARG A 97 13.56 -3.85 -3.95
N ILE A 98 14.71 -4.57 -3.93
CA ILE A 98 15.38 -5.05 -5.14
C ILE A 98 15.65 -6.54 -4.93
N GLN A 99 15.15 -7.37 -5.83
CA GLN A 99 15.07 -8.80 -5.67
C GLN A 99 14.44 -9.18 -4.42
N GLY A 100 13.40 -8.47 -4.04
CA GLY A 100 12.64 -8.80 -2.82
C GLY A 100 13.24 -8.33 -1.51
N GLN A 101 14.37 -7.65 -1.57
CA GLN A 101 15.13 -7.36 -0.36
C GLN A 101 15.37 -5.85 -0.20
N GLU A 102 15.55 -5.42 1.03
CA GLU A 102 15.81 -4.02 1.29
C GLU A 102 17.27 -3.74 1.02
N LEU A 103 17.56 -2.49 0.79
CA LEU A 103 18.95 -2.02 0.63
C LEU A 103 19.48 -1.47 1.97
N SER A 104 20.79 -1.23 2.05
CA SER A 104 21.39 -0.61 3.23
C SER A 104 20.98 0.82 3.40
N GLU A 105 21.01 1.26 4.64
CA GLU A 105 20.84 2.68 4.89
C GLU A 105 21.88 3.52 4.16
N ALA A 106 23.10 3.07 4.07
CA ALA A 106 24.12 3.81 3.32
C ALA A 106 23.75 4.03 1.88
N GLU A 107 23.12 3.01 1.25
CA GLU A 107 22.76 3.20 -0.12
C GLU A 107 21.71 4.29 -0.27
N HIS A 108 20.76 4.36 0.68
CA HIS A 108 19.78 5.40 0.62
C HIS A 108 20.37 6.81 0.89
N SER A 109 21.28 6.94 1.82
CA SER A 109 21.93 8.24 2.09
C SER A 109 22.72 8.73 0.87
N HIS A 110 23.46 7.84 0.19
CA HIS A 110 24.18 8.24 -1.04
C HIS A 110 23.22 8.67 -2.17
N SER A 111 22.14 7.93 -2.35
CA SER A 111 21.17 8.23 -3.31
C SER A 111 20.51 9.58 -3.03
N PHE A 112 20.12 9.82 -1.77
CA PHE A 112 19.51 11.09 -1.45
C PHE A 112 20.54 12.21 -1.71
N ALA A 113 21.79 12.01 -1.34
CA ALA A 113 22.77 13.08 -1.58
C ALA A 113 22.79 13.40 -3.08
N GLN A 114 22.62 12.39 -3.94
CA GLN A 114 22.70 12.65 -5.38
C GLN A 114 21.50 13.45 -5.85
N ILE A 115 20.35 13.16 -5.26
CA ILE A 115 19.15 13.94 -5.55
C ILE A 115 19.32 15.41 -5.07
N GLU A 116 19.84 15.59 -3.85
CA GLU A 116 20.04 16.91 -3.28
C GLU A 116 20.96 17.74 -4.16
N ALA A 117 22.06 17.17 -4.65
CA ALA A 117 23.01 17.90 -5.49
C ALA A 117 22.35 18.11 -6.86
N GLY A 118 21.67 17.10 -7.33
CA GLY A 118 21.07 17.11 -8.65
C GLY A 118 19.92 18.08 -8.82
N ARG A 119 19.26 18.52 -7.73
CA ARG A 119 18.07 19.36 -7.87
C ARG A 119 18.36 20.87 -8.02
N GLY A 120 19.60 21.28 -7.72
CA GLY A 120 19.93 22.72 -7.69
C GLY A 120 19.14 23.48 -6.62
N ASP A 121 18.35 24.47 -7.05
CA ASP A 121 17.52 25.26 -6.12
C ASP A 121 16.04 24.96 -6.37
N ILE A 122 15.75 24.00 -7.26
CA ILE A 122 14.38 23.50 -7.42
C ILE A 122 13.96 22.82 -6.14
N SER A 123 12.80 23.19 -5.60
CA SER A 123 12.43 22.67 -4.30
C SER A 123 11.57 21.41 -4.57
N LEU A 124 11.66 20.43 -3.69
CA LEU A 124 10.92 19.12 -3.81
C LEU A 124 10.22 18.82 -2.51
N THR A 125 9.11 18.10 -2.52
CA THR A 125 8.51 17.60 -1.27
C THR A 125 9.24 16.32 -0.76
N TYR A 126 8.90 15.87 0.44
CA TYR A 126 9.38 14.62 1.04
C TYR A 126 9.21 13.48 0.03
N PHE A 127 7.99 13.33 -0.47
CA PHE A 127 7.65 12.15 -1.28
C PHE A 127 8.29 12.29 -2.66
N GLU A 128 8.37 13.52 -3.17
CA GLU A 128 9.02 13.70 -4.45
C GLU A 128 10.51 13.31 -4.34
N PHE A 129 11.17 13.72 -3.26
CA PHE A 129 12.55 13.39 -2.98
C PHE A 129 12.73 11.89 -2.82
N GLY A 130 11.89 11.23 -2.02
CA GLY A 130 11.89 9.78 -1.91
C GLY A 130 11.73 9.06 -3.23
N THR A 131 10.84 9.59 -4.05
CA THR A 131 10.53 8.99 -5.31
C THR A 131 11.71 9.08 -6.24
N LEU A 132 12.30 10.26 -6.38
CA LEU A 132 13.50 10.42 -7.20
C LEU A 132 14.60 9.52 -6.69
N SER A 133 14.76 9.39 -5.37
CA SER A 133 15.85 8.53 -4.85
C SER A 133 15.59 7.11 -5.21
N ALA A 134 14.34 6.65 -5.08
CA ALA A 134 14.01 5.29 -5.47
C ALA A 134 14.32 5.03 -6.94
N LEU A 135 13.93 5.94 -7.80
CA LEU A 135 14.19 5.81 -9.26
C LEU A 135 15.67 5.66 -9.60
N GLN A 136 16.47 6.34 -8.82
CA GLN A 136 17.89 6.34 -8.94
C GLN A 136 18.49 5.04 -8.47
N LEU A 137 17.99 4.54 -7.37
CA LEU A 137 18.37 3.25 -6.86
C LEU A 137 17.98 2.17 -7.85
N PHE A 138 16.81 2.31 -8.47
CA PHE A 138 16.39 1.31 -9.47
C PHE A 138 17.26 1.37 -10.73
N LYS A 139 17.48 2.59 -11.22
CA LYS A 139 18.30 2.85 -12.46
C LYS A 139 19.61 2.11 -12.36
N GLN A 140 20.20 2.17 -11.18
CA GLN A 140 21.49 1.60 -10.92
C GLN A 140 21.52 0.09 -10.86
N ALA A 141 20.38 -0.58 -10.59
CA ALA A 141 20.38 -1.98 -10.24
C ALA A 141 20.14 -2.93 -11.46
N LYS A 142 19.99 -2.34 -12.64
CA LYS A 142 19.90 -3.15 -13.88
C LYS A 142 18.75 -4.15 -13.86
N LEU A 143 17.57 -3.57 -13.73
CA LEU A 143 16.35 -4.33 -13.54
C LEU A 143 15.60 -4.56 -14.86
N ASP A 144 14.78 -5.61 -14.93
CA ASP A 144 13.89 -5.88 -16.05
C ASP A 144 12.53 -5.16 -15.85
N VAL A 145 12.05 -5.12 -14.58
CA VAL A 145 10.77 -4.56 -14.30
C VAL A 145 10.85 -3.75 -13.01
N VAL A 146 10.18 -2.62 -13.01
CA VAL A 146 9.97 -1.76 -11.88
C VAL A 146 8.50 -1.56 -11.63
N ILE A 147 8.10 -1.80 -10.39
CA ILE A 147 6.74 -1.63 -9.91
C ILE A 147 6.68 -0.41 -8.98
N LEU A 148 5.83 0.57 -9.32
CA LEU A 148 5.72 1.82 -8.61
C LEU A 148 4.38 1.93 -7.94
N GLU A 149 4.37 1.94 -6.64
CA GLU A 149 3.18 2.17 -5.90
C GLU A 149 2.95 3.65 -5.75
N VAL A 150 1.78 4.14 -6.22
CA VAL A 150 1.38 5.54 -6.13
C VAL A 150 1.31 6.01 -4.65
N GLY A 151 1.80 7.24 -4.38
CA GLY A 151 1.70 7.81 -3.01
C GLY A 151 0.28 8.17 -2.68
N LEU A 152 -0.24 9.12 -3.42
CA LEU A 152 -1.59 9.59 -3.24
C LEU A 152 -2.14 9.97 -4.61
N GLY A 153 -3.43 9.72 -4.83
CA GLY A 153 -4.07 10.04 -6.09
C GLY A 153 -3.42 9.31 -7.26
N GLY A 154 -2.66 10.05 -8.07
CA GLY A 154 -1.99 9.48 -9.22
C GLY A 154 -1.61 10.53 -10.24
N ARG A 155 -2.60 11.29 -10.70
CA ARG A 155 -2.38 12.29 -11.74
C ARG A 155 -1.24 13.22 -11.41
N LEU A 156 -1.26 13.78 -10.23
CA LEU A 156 -0.17 14.65 -9.76
C LEU A 156 0.79 13.98 -8.74
N ASP A 157 0.74 12.67 -8.64
CA ASP A 157 1.63 11.93 -7.71
C ASP A 157 2.99 11.88 -8.29
N ALA A 158 4.02 11.87 -7.45
CA ALA A 158 5.36 11.91 -7.99
C ALA A 158 5.66 10.70 -8.89
N THR A 159 5.07 9.52 -8.58
CA THR A 159 5.31 8.31 -9.39
C THR A 159 4.82 8.45 -10.86
N ASN A 160 3.92 9.39 -11.09
CA ASN A 160 3.35 9.65 -12.40
C ASN A 160 4.26 10.42 -13.36
N ILE A 161 5.52 10.69 -13.01
CA ILE A 161 6.44 11.26 -13.97
C ILE A 161 6.98 10.18 -14.88
N VAL A 162 6.86 8.92 -14.45
CA VAL A 162 7.34 7.82 -15.25
C VAL A 162 6.19 7.35 -16.15
N ASP A 163 6.49 7.05 -17.40
CA ASP A 163 5.47 6.49 -18.32
C ASP A 163 5.41 4.97 -18.10
N SER A 164 4.30 4.44 -17.63
CA SER A 164 4.22 3.04 -17.32
C SER A 164 3.77 2.22 -18.57
N ASP A 165 4.09 0.95 -18.57
CA ASP A 165 3.66 0.07 -19.61
C ASP A 165 2.26 -0.48 -19.37
N VAL A 166 1.91 -0.71 -18.10
CA VAL A 166 0.60 -1.05 -17.67
C VAL A 166 0.41 -0.23 -16.40
N ALA A 167 -0.77 0.37 -16.27
CA ALA A 167 -1.23 1.04 -15.04
C ALA A 167 -2.44 0.41 -14.53
N ALA A 168 -2.63 0.47 -13.19
CA ALA A 168 -3.74 -0.20 -12.55
C ALA A 168 -4.37 0.66 -11.42
N ILE A 169 -5.65 0.44 -11.19
CA ILE A 169 -6.37 0.96 -10.03
C ILE A 169 -6.90 -0.23 -9.33
N THR A 170 -6.52 -0.39 -8.06
CA THR A 170 -6.87 -1.62 -7.29
C THR A 170 -8.30 -1.58 -6.69
N SER A 171 -8.72 -0.41 -6.23
CA SER A 171 -9.98 -0.23 -5.53
C SER A 171 -10.21 1.26 -5.35
N ILE A 172 -11.48 1.60 -5.23
CA ILE A 172 -11.93 2.96 -4.95
C ILE A 172 -12.73 2.92 -3.65
N ALA A 173 -12.33 3.75 -2.70
CA ALA A 173 -13.06 3.86 -1.45
C ALA A 173 -12.60 5.18 -0.82
N LEU A 174 -13.37 5.67 0.13
CA LEU A 174 -13.06 6.93 0.78
C LEU A 174 -12.27 6.69 2.06
N ASP A 175 -11.07 7.24 2.13
CA ASP A 175 -10.22 7.10 3.30
C ASP A 175 -10.34 8.30 4.24
N HIS A 176 -11.05 9.33 3.82
CA HIS A 176 -11.21 10.56 4.67
C HIS A 176 -12.68 10.89 4.91
N THR A 177 -12.94 11.91 5.74
CA THR A 177 -14.27 12.28 6.14
C THR A 177 -14.98 13.04 5.01
N ASP A 178 -16.31 13.15 5.13
CA ASP A 178 -17.15 13.89 4.18
C ASP A 178 -16.60 15.27 3.93
N TRP A 179 -16.71 15.71 2.69
CA TRP A 179 -16.23 17.01 2.24
C TRP A 179 -16.95 17.32 0.91
N LEU A 180 -17.23 18.60 0.62
CA LEU A 180 -17.87 18.88 -0.66
C LEU A 180 -17.06 18.38 -1.83
N GLY A 181 -17.75 17.81 -2.81
CA GLY A 181 -17.11 17.30 -4.01
C GLY A 181 -16.20 16.04 -3.80
N TYR A 182 -16.25 15.39 -2.64
CA TYR A 182 -15.34 14.32 -2.32
C TYR A 182 -16.19 13.06 -2.33
N ASP A 183 -16.01 12.28 -3.40
CA ASP A 183 -16.82 11.05 -3.55
C ASP A 183 -16.03 10.10 -4.46
N ARG A 184 -16.66 9.02 -4.83
CA ARG A 184 -15.98 7.97 -5.61
C ARG A 184 -15.61 8.51 -6.97
N GLU A 185 -16.45 9.41 -7.51
CA GLU A 185 -16.18 9.94 -8.83
C GLU A 185 -14.94 10.83 -8.79
N SER A 186 -14.83 11.69 -7.77
CA SER A 186 -13.68 12.62 -7.72
C SER A 186 -12.40 11.88 -7.43
N ILE A 187 -12.48 10.90 -6.54
CA ILE A 187 -11.34 10.03 -6.22
C ILE A 187 -10.85 9.24 -7.46
N GLY A 188 -11.78 8.58 -8.13
CA GLY A 188 -11.50 7.89 -9.36
C GLY A 188 -10.83 8.69 -10.43
N ARG A 189 -11.32 9.91 -10.65
CA ARG A 189 -10.79 10.75 -11.69
C ARG A 189 -9.31 11.01 -11.48
N GLU A 190 -8.93 11.32 -10.26
CA GLU A 190 -7.56 11.61 -9.97
C GLU A 190 -6.67 10.38 -10.13
N LYS A 191 -7.12 9.23 -9.67
CA LYS A 191 -6.37 7.96 -9.88
C LYS A 191 -6.12 7.58 -11.34
N ALA A 192 -7.10 7.80 -12.20
CA ALA A 192 -7.04 7.43 -13.61
C ALA A 192 -5.99 8.24 -14.34
N GLY A 193 -5.51 9.31 -13.69
CA GLY A 193 -4.36 10.07 -14.25
C GLY A 193 -3.05 9.31 -14.38
N VAL A 194 -2.92 8.12 -13.76
CA VAL A 194 -1.77 7.25 -14.09
C VAL A 194 -1.85 6.48 -15.38
N PHE A 195 -3.00 6.47 -16.04
CA PHE A 195 -3.14 5.71 -17.28
C PHE A 195 -2.40 6.48 -18.38
N ARG A 196 -2.16 5.77 -19.46
CA ARG A 196 -1.37 6.27 -20.60
C ARG A 196 -2.02 5.89 -21.90
N GLY A 197 -1.94 6.80 -22.84
CA GLY A 197 -2.41 6.57 -24.22
C GLY A 197 -1.80 5.36 -24.87
N GLY A 198 -2.65 4.52 -25.42
CA GLY A 198 -2.15 3.34 -26.14
C GLY A 198 -1.74 2.22 -25.21
N LYS A 199 -2.01 2.36 -23.90
CA LYS A 199 -1.53 1.37 -22.93
C LYS A 199 -2.68 0.78 -22.09
N PRO A 200 -2.47 -0.45 -21.61
CA PRO A 200 -3.52 -1.05 -20.82
C PRO A 200 -3.73 -0.30 -19.49
N ALA A 201 -5.01 -0.07 -19.19
CA ALA A 201 -5.48 0.53 -17.95
C ALA A 201 -6.39 -0.49 -17.22
N VAL A 202 -5.84 -1.11 -16.19
CA VAL A 202 -6.50 -2.24 -15.53
C VAL A 202 -7.23 -1.70 -14.38
N VAL A 203 -8.51 -1.99 -14.28
CA VAL A 203 -9.31 -1.60 -13.17
C VAL A 203 -9.85 -2.76 -12.41
N GLY A 204 -9.39 -2.87 -11.17
CA GLY A 204 -9.72 -3.95 -10.27
C GLY A 204 -10.88 -3.71 -9.36
N GLU A 205 -11.46 -2.51 -9.43
CA GLU A 205 -12.60 -2.14 -8.66
C GLU A 205 -13.85 -2.60 -9.39
N PRO A 206 -14.70 -3.43 -8.73
CA PRO A 206 -15.87 -3.92 -9.42
C PRO A 206 -16.98 -2.88 -9.56
N ASP A 207 -17.05 -1.90 -8.66
CA ASP A 207 -18.07 -0.81 -8.78
C ASP A 207 -17.37 0.46 -9.27
N MET A 208 -17.05 0.52 -10.54
CA MET A 208 -16.10 1.50 -11.02
C MET A 208 -16.79 2.89 -11.25
N PRO A 209 -16.25 3.98 -10.71
CA PRO A 209 -16.96 5.24 -11.04
C PRO A 209 -16.80 5.62 -12.52
N GLN A 210 -17.73 6.38 -13.07
CA GLN A 210 -17.71 6.66 -14.51
C GLN A 210 -16.53 7.48 -14.85
N SER A 211 -16.06 8.26 -13.88
CA SER A 211 -15.01 9.22 -14.21
C SER A 211 -13.75 8.46 -14.64
N ILE A 212 -13.57 7.25 -14.14
CA ILE A 212 -12.38 6.45 -14.57
C ILE A 212 -12.41 6.17 -16.09
N ALA A 213 -13.55 5.72 -16.56
CA ALA A 213 -13.80 5.49 -17.99
C ALA A 213 -13.66 6.81 -18.80
N ASP A 214 -14.17 7.94 -18.26
CA ASP A 214 -14.05 9.24 -18.95
C ASP A 214 -12.59 9.61 -19.13
N VAL A 215 -11.76 9.42 -18.08
CA VAL A 215 -10.37 9.79 -18.20
C VAL A 215 -9.64 8.82 -19.12
N ALA A 216 -9.93 7.53 -19.01
CA ALA A 216 -9.28 6.55 -19.88
C ALA A 216 -9.58 6.94 -21.37
N ALA A 217 -10.85 7.29 -21.66
CA ALA A 217 -11.27 7.76 -23.06
C ALA A 217 -10.54 9.01 -23.49
N GLU A 218 -10.47 10.02 -22.61
CA GLU A 218 -9.74 11.26 -22.95
C GLU A 218 -8.31 10.96 -23.28
N LEU A 219 -7.67 10.06 -22.54
CA LEU A 219 -6.27 9.75 -22.76
C LEU A 219 -6.05 8.79 -23.92
N GLY A 220 -7.08 8.10 -24.36
CA GLY A 220 -6.90 6.97 -25.27
C GLY A 220 -6.27 5.70 -24.72
N ALA A 221 -6.44 5.47 -23.39
CA ALA A 221 -5.94 4.24 -22.76
C ALA A 221 -6.87 3.11 -23.07
N GLN A 222 -6.38 1.87 -23.03
CA GLN A 222 -7.26 0.75 -23.23
C GLN A 222 -7.75 0.23 -21.90
N LEU A 223 -9.04 0.38 -21.64
CA LEU A 223 -9.62 0.06 -20.37
C LEU A 223 -9.97 -1.42 -20.23
N TYR A 224 -9.42 -2.08 -19.21
CA TYR A 224 -9.73 -3.46 -18.94
C TYR A 224 -10.24 -3.60 -17.53
N ARG A 225 -11.57 -3.73 -17.41
CA ARG A 225 -12.22 -3.70 -16.13
C ARG A 225 -12.56 -5.05 -15.63
N ARG A 226 -12.42 -5.20 -14.33
CA ARG A 226 -12.96 -6.34 -13.63
C ARG A 226 -14.46 -6.46 -13.89
N ASP A 227 -14.89 -7.70 -14.13
CA ASP A 227 -16.24 -8.09 -14.52
C ASP A 227 -16.68 -7.69 -15.91
N VAL A 228 -15.81 -7.11 -16.71
CA VAL A 228 -16.13 -6.82 -18.08
C VAL A 228 -15.10 -7.55 -18.90
N ALA A 229 -13.83 -7.15 -18.84
CA ALA A 229 -12.77 -7.76 -19.61
C ALA A 229 -12.17 -9.03 -18.90
N TRP A 230 -12.19 -9.07 -17.56
CA TRP A 230 -11.58 -10.17 -16.84
C TRP A 230 -12.29 -10.31 -15.53
N LYS A 231 -12.19 -11.49 -14.91
CA LYS A 231 -12.92 -11.77 -13.73
C LYS A 231 -12.28 -12.95 -13.04
N PHE A 232 -12.79 -13.27 -11.83
CA PHE A 232 -12.24 -14.36 -11.10
C PHE A 232 -13.26 -14.95 -10.19
N SER A 233 -12.99 -16.15 -9.71
CA SER A 233 -13.90 -16.81 -8.77
C SER A 233 -13.19 -17.81 -7.82
N GLN A 234 -13.69 -17.80 -6.57
CA GLN A 234 -13.50 -18.73 -5.41
C GLN A 234 -12.08 -18.80 -4.83
N ASN A 249 -8.68 -27.41 -4.19
CA ASN A 249 -9.64 -26.34 -4.48
C ASN A 249 -8.98 -25.19 -5.35
N GLY A 250 -8.66 -24.04 -4.73
CA GLY A 250 -7.99 -22.95 -5.44
C GLY A 250 -9.01 -21.96 -5.97
N TRP A 251 -8.63 -21.28 -7.05
CA TRP A 251 -9.44 -20.26 -7.62
C TRP A 251 -9.09 -20.15 -9.06
N HIS A 252 -9.88 -19.39 -9.79
CA HIS A 252 -9.86 -19.35 -11.25
C HIS A 252 -9.83 -17.90 -11.68
N TRP A 253 -9.03 -17.64 -12.72
CA TRP A 253 -8.93 -16.27 -13.23
C TRP A 253 -9.21 -16.39 -14.71
N GLN A 254 -10.08 -15.55 -15.23
CA GLN A 254 -10.53 -15.59 -16.61
C GLN A 254 -10.48 -14.26 -17.28
N CYS A 255 -10.15 -14.31 -18.55
CA CYS A 255 -10.17 -13.16 -19.41
C CYS A 255 -10.64 -13.66 -20.82
N GLY A 256 -11.84 -13.25 -21.21
CA GLY A 256 -12.52 -13.72 -22.44
C GLY A 256 -12.75 -15.21 -22.29
N GLU A 257 -12.29 -15.94 -23.30
CA GLU A 257 -12.55 -17.32 -23.37
C GLU A 257 -11.41 -18.14 -22.81
N ARG A 258 -10.38 -17.51 -22.26
CA ARG A 258 -9.27 -18.22 -21.64
C ARG A 258 -9.21 -18.14 -20.11
N GLN A 259 -8.64 -19.11 -19.44
CA GLN A 259 -8.57 -19.09 -17.98
C GLN A 259 -7.39 -19.78 -17.41
N LEU A 260 -7.13 -19.48 -16.15
CA LEU A 260 -6.22 -20.21 -15.32
C LEU A 260 -7.06 -20.87 -14.28
N THR A 261 -6.85 -22.14 -14.02
CA THR A 261 -7.76 -22.83 -13.12
C THR A 261 -6.99 -23.45 -12.00
N GLY A 262 -7.64 -23.59 -10.87
CA GLY A 262 -7.03 -24.29 -9.72
C GLY A 262 -5.82 -23.57 -9.16
N LEU A 263 -5.79 -22.23 -9.24
CA LEU A 263 -4.68 -21.45 -8.73
C LEU A 263 -4.61 -21.58 -7.23
N PRO A 264 -3.41 -21.58 -6.66
CA PRO A 264 -3.28 -21.47 -5.19
C PRO A 264 -3.79 -20.12 -4.62
N VAL A 265 -4.50 -20.18 -3.49
CA VAL A 265 -5.06 -18.99 -2.87
C VAL A 265 -3.87 -18.33 -2.11
N PRO A 266 -3.56 -17.08 -2.42
CA PRO A 266 -2.47 -16.40 -1.77
C PRO A 266 -2.88 -15.75 -0.48
N ASN A 267 -1.88 -15.39 0.29
CA ASN A 267 -2.02 -14.65 1.50
C ASN A 267 -2.07 -13.12 1.29
N VAL A 268 -2.91 -12.70 0.31
CA VAL A 268 -3.25 -11.29 0.09
C VAL A 268 -4.72 -11.35 -0.33
N PRO A 269 -5.39 -10.22 -0.29
CA PRO A 269 -6.80 -10.27 -0.75
C PRO A 269 -6.90 -10.75 -2.18
N LEU A 270 -7.81 -11.68 -2.43
CA LEU A 270 -7.88 -12.31 -3.74
C LEU A 270 -8.11 -11.30 -4.85
N ALA A 271 -8.92 -10.27 -4.63
CA ALA A 271 -9.15 -9.19 -5.63
C ALA A 271 -7.86 -8.59 -6.13
N ASN A 272 -6.89 -8.45 -5.23
CA ASN A 272 -5.66 -7.81 -5.58
C ASN A 272 -4.74 -8.79 -6.31
N ALA A 273 -4.80 -10.07 -5.97
CA ALA A 273 -4.04 -11.05 -6.74
C ALA A 273 -4.66 -11.07 -8.15
N ALA A 274 -5.97 -10.97 -8.22
CA ALA A 274 -6.63 -10.99 -9.53
C ALA A 274 -6.23 -9.76 -10.36
N THR A 275 -6.19 -8.60 -9.72
CA THR A 275 -5.72 -7.40 -10.39
C THR A 275 -4.26 -7.54 -10.93
N ALA A 276 -3.43 -8.20 -10.13
CA ALA A 276 -2.03 -8.44 -10.52
C ALA A 276 -1.94 -9.36 -11.73
N LEU A 277 -2.74 -10.43 -11.78
CA LEU A 277 -2.80 -11.28 -12.98
C LEU A 277 -3.23 -10.54 -14.25
N ALA A 278 -4.20 -9.65 -14.11
CA ALA A 278 -4.64 -8.83 -15.20
C ALA A 278 -3.47 -7.93 -15.71
N VAL A 279 -2.79 -7.26 -14.78
CA VAL A 279 -1.62 -6.47 -15.13
C VAL A 279 -0.65 -7.32 -15.92
N LEU A 280 -0.33 -8.48 -15.41
CA LEU A 280 0.67 -9.35 -16.03
C LEU A 280 0.19 -9.83 -17.36
N HIS A 281 -1.07 -10.16 -17.46
CA HIS A 281 -1.63 -10.55 -18.78
C HIS A 281 -1.54 -9.44 -19.84
N TYR A 282 -1.97 -8.23 -19.50
CA TYR A 282 -2.00 -7.17 -20.47
C TYR A 282 -0.61 -6.66 -20.77
N SER A 283 0.35 -6.98 -19.90
CA SER A 283 1.75 -6.62 -20.20
C SER A 283 2.35 -7.47 -21.32
N GLU A 284 1.74 -8.61 -21.61
CA GLU A 284 2.24 -9.60 -22.59
C GLU A 284 3.59 -10.21 -22.22
N LEU A 285 4.05 -10.03 -20.97
CA LEU A 285 5.25 -10.74 -20.58
C LEU A 285 5.03 -12.30 -20.62
N PRO A 286 6.05 -13.05 -21.07
CA PRO A 286 5.99 -14.51 -21.03
C PRO A 286 6.22 -15.00 -19.60
N LEU A 287 5.27 -15.78 -19.10
CA LEU A 287 5.29 -16.29 -17.75
C LEU A 287 4.80 -17.72 -17.67
N SER A 288 5.57 -18.60 -17.03
CA SER A 288 5.28 -20.02 -16.96
C SER A 288 4.22 -20.24 -15.88
N ASP A 289 3.59 -21.42 -15.92
CA ASP A 289 2.64 -21.85 -14.92
C ASP A 289 3.36 -21.91 -13.57
N GLU A 290 4.60 -22.32 -13.59
CA GLU A 290 5.33 -22.46 -12.37
C GLU A 290 5.57 -21.13 -11.65
N ALA A 291 5.97 -20.10 -12.38
CA ALA A 291 6.18 -18.77 -11.87
C ALA A 291 4.91 -18.16 -11.29
N ILE A 292 3.79 -18.28 -12.00
CA ILE A 292 2.52 -17.80 -11.48
C ILE A 292 2.17 -18.51 -10.18
N ARG A 293 2.30 -19.83 -10.13
CA ARG A 293 1.88 -20.53 -8.90
C ARG A 293 2.84 -20.31 -7.74
N GLN A 294 4.12 -20.30 -8.00
CA GLN A 294 5.11 -20.05 -6.91
C GLN A 294 5.01 -18.63 -6.37
N GLY A 295 4.74 -17.70 -7.25
CA GLY A 295 4.51 -16.31 -6.83
C GLY A 295 3.33 -16.15 -5.93
N LEU A 296 2.21 -16.70 -6.37
CA LEU A 296 0.99 -16.69 -5.55
C LEU A 296 1.18 -17.38 -4.21
N GLN A 297 1.93 -18.47 -4.16
CA GLN A 297 2.26 -19.09 -2.90
C GLN A 297 3.18 -18.27 -2.01
N ALA A 298 4.00 -17.38 -2.56
CA ALA A 298 4.95 -16.59 -1.76
C ALA A 298 4.37 -15.23 -1.39
N ALA A 299 3.39 -14.70 -2.14
CA ALA A 299 2.98 -13.30 -2.01
C ALA A 299 2.43 -12.99 -0.61
N SER A 300 2.96 -12.00 0.09
CA SER A 300 2.33 -11.50 1.36
C SER A 300 3.08 -10.26 1.80
N LEU A 301 2.52 -9.43 2.70
CA LEU A 301 3.22 -8.32 3.26
C LEU A 301 2.98 -8.37 4.74
N PRO A 302 3.96 -7.92 5.53
CA PRO A 302 3.83 -7.75 6.96
C PRO A 302 2.69 -6.79 7.30
N GLY A 303 1.90 -7.11 8.29
CA GLY A 303 0.86 -6.20 8.70
C GLY A 303 -0.46 -6.22 7.92
N ARG A 304 -0.58 -7.11 6.93
CA ARG A 304 -1.79 -7.31 6.18
C ARG A 304 -2.35 -8.67 6.54
N PHE A 305 -3.24 -8.63 7.53
CA PHE A 305 -3.81 -9.80 8.19
C PHE A 305 -2.72 -10.80 8.54
N GLN A 306 -1.78 -10.36 9.38
CA GLN A 306 -0.63 -11.13 9.65
C GLN A 306 -0.85 -11.78 11.04
N VAL A 307 -0.83 -13.07 11.04
CA VAL A 307 -0.92 -13.89 12.25
C VAL A 307 0.47 -13.98 12.88
N VAL A 308 0.59 -13.45 14.08
CA VAL A 308 1.85 -13.39 14.78
C VAL A 308 1.93 -14.42 15.89
N SER A 309 0.79 -14.89 16.41
CA SER A 309 0.82 -15.84 17.50
C SER A 309 -0.45 -16.56 17.53
N GLU A 310 -0.49 -17.63 18.32
CA GLU A 310 -1.74 -18.37 18.57
C GLU A 310 -2.02 -18.63 20.09
N GLN A 311 -3.28 -19.01 20.31
CA GLN A 311 -3.83 -19.38 21.59
C GLN A 311 -3.34 -18.40 22.68
N PRO A 312 -3.68 -17.11 22.57
CA PRO A 312 -4.55 -16.37 21.70
C PRO A 312 -3.99 -16.00 20.34
N LEU A 313 -4.87 -16.03 19.37
CA LEU A 313 -4.56 -15.61 18.01
C LEU A 313 -4.27 -14.11 18.04
N LEU A 314 -3.08 -13.70 17.61
CA LEU A 314 -2.71 -12.30 17.58
C LEU A 314 -2.53 -11.96 16.12
N ILE A 315 -3.32 -11.00 15.63
CA ILE A 315 -3.32 -10.61 14.20
C ILE A 315 -3.07 -9.14 14.11
N LEU A 316 -2.19 -8.79 13.18
CA LEU A 316 -1.85 -7.42 12.91
C LEU A 316 -2.42 -7.06 11.54
N ASP A 317 -3.15 -5.94 11.48
CA ASP A 317 -3.72 -5.49 10.14
C ASP A 317 -3.80 -3.99 10.10
N VAL A 318 -3.21 -3.42 9.07
CA VAL A 318 -3.08 -2.00 8.94
C VAL A 318 -4.34 -1.29 8.38
N ALA A 319 -5.48 -1.95 8.37
CA ALA A 319 -6.76 -1.37 8.01
C ALA A 319 -7.01 0.03 8.66
N HIS A 320 -7.33 1.05 7.83
CA HIS A 320 -7.58 2.36 8.38
C HIS A 320 -8.69 3.15 7.67
N ASN A 321 -9.63 2.45 7.10
CA ASN A 321 -10.87 3.04 6.57
C ASN A 321 -11.98 1.97 6.53
N PRO A 322 -13.22 2.37 6.27
CA PRO A 322 -14.28 1.37 6.37
C PRO A 322 -14.23 0.24 5.35
N HIS A 323 -13.80 0.52 4.13
CA HIS A 323 -13.60 -0.51 3.11
C HIS A 323 -12.62 -1.65 3.56
N ALA A 324 -11.49 -1.27 4.15
CA ALA A 324 -10.50 -2.24 4.68
C ALA A 324 -11.08 -2.88 5.92
N ALA A 325 -11.83 -2.13 6.70
CA ALA A 325 -12.43 -2.68 7.90
C ALA A 325 -13.44 -3.77 7.54
N ARG A 326 -14.18 -3.56 6.45
CA ARG A 326 -15.15 -4.59 6.02
C ARG A 326 -14.44 -5.85 5.61
N TYR A 327 -13.33 -5.72 4.88
CA TYR A 327 -12.53 -6.88 4.57
C TYR A 327 -12.06 -7.57 5.87
N LEU A 328 -11.54 -6.78 6.81
CA LEU A 328 -10.99 -7.33 8.05
C LEU A 328 -12.08 -8.05 8.84
N VAL A 329 -13.27 -7.45 8.92
CA VAL A 329 -14.43 -8.13 9.60
C VAL A 329 -14.81 -9.48 8.93
N ASN A 330 -14.76 -9.52 7.62
CA ASN A 330 -15.07 -10.75 6.90
C ASN A 330 -14.03 -11.83 7.17
N ARG A 331 -12.75 -11.47 7.27
CA ARG A 331 -11.71 -12.45 7.61
C ARG A 331 -11.83 -12.93 9.05
N LEU A 332 -12.15 -12.03 9.95
CA LEU A 332 -12.25 -12.38 11.34
C LEU A 332 -13.37 -13.36 11.55
N ALA A 333 -14.46 -13.18 10.84
CA ALA A 333 -15.61 -14.05 10.99
C ALA A 333 -15.20 -15.48 10.62
N GLN A 334 -14.26 -15.64 9.67
CA GLN A 334 -13.71 -16.96 9.31
C GLN A 334 -12.75 -17.64 10.31
N VAL A 335 -12.32 -16.94 11.37
CA VAL A 335 -11.33 -17.52 12.29
C VAL A 335 -11.77 -17.62 13.75
N ILE A 336 -12.92 -17.08 14.14
CA ILE A 336 -13.42 -17.33 15.48
C ILE A 336 -14.59 -18.27 15.40
N GLN A 344 -16.12 -20.85 23.23
CA GLN A 344 -16.58 -19.72 22.41
C GLN A 344 -15.78 -18.47 22.86
N GLY A 345 -15.13 -17.76 21.92
CA GLY A 345 -14.08 -16.77 22.27
C GLY A 345 -14.35 -15.33 21.83
N LYS A 346 -13.66 -14.36 22.43
CA LYS A 346 -13.95 -12.95 22.13
C LYS A 346 -12.92 -12.32 21.19
N VAL A 347 -13.39 -11.37 20.36
CA VAL A 347 -12.47 -10.53 19.59
C VAL A 347 -12.13 -9.24 20.36
N ARG A 348 -10.85 -9.05 20.61
CA ARG A 348 -10.35 -7.89 21.31
C ARG A 348 -9.56 -7.02 20.34
N ALA A 349 -9.87 -5.75 20.26
CA ALA A 349 -9.20 -4.94 19.23
C ALA A 349 -8.38 -3.91 19.95
N VAL A 350 -7.15 -3.79 19.49
CA VAL A 350 -6.26 -2.81 19.99
C VAL A 350 -6.18 -1.82 18.85
N VAL A 351 -6.58 -0.55 19.08
CA VAL A 351 -6.74 0.37 17.94
C VAL A 351 -6.13 1.71 18.22
N GLY A 352 -5.52 2.25 17.19
CA GLY A 352 -5.10 3.64 17.18
C GLY A 352 -5.26 4.12 15.76
N MET A 353 -5.63 5.38 15.61
CA MET A 353 -5.77 5.98 14.22
C MET A 353 -5.31 7.38 14.14
N LEU A 354 -5.06 7.77 12.93
CA LEU A 354 -4.83 9.15 12.69
C LEU A 354 -6.10 9.99 12.68
N SER A 355 -5.97 11.25 13.10
CA SER A 355 -7.12 12.08 13.36
C SER A 355 -7.88 12.47 12.12
N ASP A 356 -7.27 12.44 10.94
CA ASP A 356 -7.98 12.77 9.70
C ASP A 356 -8.66 11.62 8.98
N LYS A 357 -8.68 10.44 9.57
CA LYS A 357 -9.35 9.28 8.96
C LYS A 357 -10.83 9.38 9.21
N ASP A 358 -11.59 8.52 8.53
CA ASP A 358 -13.01 8.30 8.84
C ASP A 358 -13.09 7.33 10.04
N ILE A 359 -12.79 7.90 11.20
CA ILE A 359 -12.79 7.17 12.46
C ILE A 359 -14.15 6.59 12.73
N ALA A 360 -15.18 7.43 12.67
CA ALA A 360 -16.55 7.02 12.95
C ALA A 360 -16.96 5.82 12.11
N GLY A 361 -16.67 5.87 10.82
CA GLY A 361 -17.07 4.78 9.94
C GLY A 361 -16.26 3.49 10.14
N THR A 362 -14.95 3.64 10.35
CA THR A 362 -14.11 2.49 10.51
C THR A 362 -14.54 1.78 11.80
N LEU A 363 -14.74 2.54 12.90
CA LEU A 363 -15.03 1.85 14.15
C LEU A 363 -16.44 1.24 14.12
N ALA A 364 -17.38 1.83 13.37
CA ALA A 364 -18.76 1.25 13.31
C ALA A 364 -18.67 -0.05 12.55
N CYS A 365 -17.87 -0.09 11.50
CA CYS A 365 -17.76 -1.33 10.75
C CYS A 365 -17.09 -2.44 11.61
N LEU A 366 -15.94 -2.13 12.20
CA LEU A 366 -15.26 -3.09 13.11
C LEU A 366 -16.17 -3.55 14.26
N SER A 367 -17.04 -2.66 14.75
CA SER A 367 -17.89 -2.98 15.91
C SER A 367 -18.89 -4.09 15.62
N GLU A 368 -19.07 -4.47 14.38
CA GLU A 368 -19.88 -5.60 14.02
C GLU A 368 -19.29 -6.90 14.50
N ARG A 369 -17.96 -6.99 14.63
CA ARG A 369 -17.37 -8.20 15.12
C ARG A 369 -16.41 -8.03 16.34
N VAL A 370 -16.00 -6.80 16.70
CA VAL A 370 -15.16 -6.60 17.89
C VAL A 370 -16.02 -6.65 19.16
N ASP A 371 -15.62 -7.44 20.15
CA ASP A 371 -16.40 -7.59 21.38
C ASP A 371 -15.86 -6.69 22.47
N GLU A 372 -14.54 -6.42 22.45
CA GLU A 372 -13.83 -5.66 23.48
C GLU A 372 -12.80 -4.68 22.86
N TRP A 373 -12.80 -3.45 23.32
CA TRP A 373 -12.03 -2.39 22.71
C TRP A 373 -10.95 -1.90 23.64
N TYR A 374 -9.75 -1.71 23.07
CA TYR A 374 -8.56 -1.23 23.74
C TYR A 374 -8.03 -0.11 22.90
N CYS A 375 -8.32 1.12 23.30
CA CYS A 375 -8.00 2.31 22.57
C CYS A 375 -6.72 3.00 23.06
N ALA A 376 -5.92 3.47 22.13
CA ALA A 376 -4.68 4.16 22.45
C ALA A 376 -4.50 5.39 21.59
N PRO A 377 -3.75 6.38 22.06
CA PRO A 377 -3.44 7.55 21.22
C PRO A 377 -2.32 7.24 20.27
N LEU A 378 -2.16 8.04 19.21
CA LEU A 378 -0.99 8.00 18.37
C LEU A 378 -0.36 9.34 18.54
N GLU A 379 0.96 9.33 18.49
CA GLU A 379 1.74 10.48 18.82
C GLU A 379 1.65 11.58 17.82
N GLY A 380 1.91 12.79 18.29
CA GLY A 380 2.17 13.93 17.41
C GLY A 380 0.91 14.62 17.01
N PRO A 381 1.06 15.68 16.22
CA PRO A 381 -0.09 16.52 15.85
C PRO A 381 -1.14 15.78 14.97
N ARG A 382 -0.74 14.70 14.28
CA ARG A 382 -1.60 13.97 13.35
C ARG A 382 -2.37 12.78 13.95
N GLY A 383 -1.98 12.35 15.15
CA GLY A 383 -2.63 11.19 15.76
C GLY A 383 -3.89 11.54 16.48
N ALA A 384 -4.86 10.62 16.49
CA ALA A 384 -6.06 10.75 17.30
C ALA A 384 -5.69 10.40 18.73
N SER A 385 -6.35 11.01 19.71
CA SER A 385 -6.20 10.62 21.11
C SER A 385 -7.08 9.41 21.34
N ALA A 386 -6.87 8.69 22.45
CA ALA A 386 -7.73 7.55 22.74
C ALA A 386 -9.15 8.03 22.98
N GLY A 387 -9.29 9.28 23.43
CA GLY A 387 -10.62 9.82 23.69
C GLY A 387 -11.38 10.07 22.42
N GLN A 388 -10.66 10.44 21.35
CA GLN A 388 -11.29 10.72 20.06
C GLN A 388 -11.80 9.40 19.47
N LEU A 389 -11.20 8.27 19.86
CA LEU A 389 -11.67 6.97 19.38
C LEU A 389 -12.82 6.53 20.27
N ALA A 390 -12.62 6.60 21.59
CA ALA A 390 -13.63 6.15 22.60
C ALA A 390 -15.00 6.80 22.42
N GLU A 391 -15.02 8.05 21.93
CA GLU A 391 -16.27 8.78 21.82
C GLU A 391 -17.20 8.14 20.76
N HIS A 392 -16.64 7.29 19.89
CA HIS A 392 -17.41 6.44 18.94
C HIS A 392 -17.84 5.07 19.49
N LEU A 393 -17.45 4.73 20.71
CA LEU A 393 -17.65 3.37 21.22
C LEU A 393 -18.39 3.39 22.56
N VAL A 394 -18.80 2.23 23.05
CA VAL A 394 -19.47 2.19 24.39
C VAL A 394 -18.55 1.65 25.47
N SER A 395 -18.28 2.48 26.49
CA SER A 395 -17.32 2.18 27.58
C SER A 395 -16.03 1.43 27.11
N ALA A 396 -15.41 1.90 26.04
CA ALA A 396 -14.11 1.40 25.65
C ALA A 396 -13.06 1.61 26.78
N ARG A 397 -12.04 0.75 26.80
CA ARG A 397 -10.81 0.99 27.57
C ARG A 397 -9.94 2.00 26.91
N GLN A 398 -9.34 2.90 27.70
CA GLN A 398 -8.40 3.88 27.20
C GLN A 398 -7.05 3.75 27.86
N PHE A 399 -5.99 3.79 27.05
CA PHE A 399 -4.62 3.62 27.54
C PHE A 399 -3.65 4.76 27.13
N SER A 400 -2.49 4.74 27.79
CA SER A 400 -1.42 5.74 27.65
CA SER A 400 -1.47 5.80 27.62
C SER A 400 -0.74 5.67 26.27
N ASP A 401 -0.66 4.48 25.73
CA ASP A 401 0.08 4.24 24.48
C ASP A 401 -0.27 2.85 23.99
N VAL A 402 0.05 2.59 22.73
CA VAL A 402 -0.38 1.36 22.08
C VAL A 402 0.16 0.12 22.80
N GLU A 403 1.44 0.13 23.16
CA GLU A 403 2.04 -1.06 23.74
C GLU A 403 1.33 -1.44 25.04
N THR A 404 1.03 -0.42 25.84
CA THR A 404 0.33 -0.68 27.08
C THR A 404 -1.04 -1.29 26.80
N ALA A 405 -1.76 -0.76 25.81
CA ALA A 405 -3.08 -1.28 25.43
C ALA A 405 -2.96 -2.73 25.01
N TRP A 406 -1.95 -2.99 24.18
CA TRP A 406 -1.73 -4.32 23.61
C TRP A 406 -1.34 -5.32 24.71
N ARG A 407 -0.34 -4.95 25.54
CA ARG A 407 -0.04 -5.86 26.70
C ARG A 407 -1.30 -6.09 27.55
N GLN A 408 -2.19 -5.13 27.67
CA GLN A 408 -3.35 -5.42 28.55
C GLN A 408 -4.26 -6.45 27.88
N ALA A 409 -4.39 -6.29 26.54
CA ALA A 409 -5.23 -7.15 25.75
C ALA A 409 -4.70 -8.58 25.82
N MET A 410 -3.39 -8.75 25.74
CA MET A 410 -2.77 -10.08 25.76
C MET A 410 -2.98 -10.68 27.14
N GLN A 411 -2.83 -9.82 28.14
CA GLN A 411 -2.99 -10.26 29.51
C GLN A 411 -4.42 -10.71 29.77
N ASP A 412 -5.42 -10.01 29.20
CA ASP A 412 -6.84 -10.38 29.45
C ASP A 412 -7.28 -11.54 28.59
N ALA A 413 -6.57 -11.80 27.49
CA ALA A 413 -7.13 -12.71 26.46
C ALA A 413 -7.17 -14.14 26.98
N ASP A 414 -8.29 -14.84 26.80
CA ASP A 414 -8.25 -16.30 26.93
C ASP A 414 -7.68 -16.92 25.71
N THR A 415 -7.30 -18.18 25.85
CA THR A 415 -6.85 -19.03 24.76
C THR A 415 -7.66 -19.01 23.45
N GLN A 416 -8.97 -18.98 23.55
CA GLN A 416 -9.82 -19.03 22.36
C GLN A 416 -10.09 -17.63 21.78
N ASP A 417 -9.57 -16.57 22.42
CA ASP A 417 -9.78 -15.19 21.91
C ASP A 417 -8.93 -14.85 20.66
N VAL A 418 -9.27 -13.76 19.97
CA VAL A 418 -8.49 -13.22 18.86
C VAL A 418 -8.14 -11.79 19.27
N VAL A 419 -6.85 -11.45 19.24
CA VAL A 419 -6.44 -10.08 19.51
C VAL A 419 -6.08 -9.47 18.16
N ILE A 420 -6.76 -8.39 17.75
CA ILE A 420 -6.49 -7.77 16.46
C ILE A 420 -5.92 -6.40 16.67
N VAL A 421 -4.76 -6.12 16.14
CA VAL A 421 -4.11 -4.81 16.26
C VAL A 421 -4.34 -4.12 14.89
N CYS A 422 -5.01 -2.96 14.93
CA CYS A 422 -5.45 -2.28 13.68
C CYS A 422 -5.61 -0.77 13.79
N GLY A 423 -5.99 -0.14 12.66
CA GLY A 423 -6.34 1.26 12.66
C GLY A 423 -5.35 2.16 12.01
N SER A 424 -4.08 1.74 11.95
CA SER A 424 -3.03 2.53 11.36
C SER A 424 -1.74 1.71 11.25
N PHE A 425 -0.78 2.16 10.46
CA PHE A 425 0.56 1.61 10.43
C PHE A 425 1.22 1.80 11.78
N HIS A 426 0.97 2.95 12.41
CA HIS A 426 1.64 3.31 13.64
C HIS A 426 1.23 2.30 14.69
N THR A 427 -0.04 1.94 14.76
CA THR A 427 -0.47 0.94 15.72
C THR A 427 0.15 -0.43 15.58
N VAL A 428 0.12 -0.97 14.38
CA VAL A 428 0.73 -2.21 14.05
C VAL A 428 2.25 -2.12 14.28
N ALA A 429 2.89 -1.05 13.83
CA ALA A 429 4.35 -0.96 13.98
C ALA A 429 4.78 -0.92 15.48
N HIS A 430 4.04 -0.17 16.32
CA HIS A 430 4.34 -0.07 17.77
C HIS A 430 4.32 -1.51 18.29
N VAL A 431 3.37 -2.35 17.84
CA VAL A 431 3.35 -3.77 18.29
C VAL A 431 4.46 -4.57 17.73
N MET A 432 4.73 -4.42 16.44
CA MET A 432 5.90 -5.03 15.86
C MET A 432 7.18 -4.65 16.58
N ALA A 433 7.41 -3.39 16.96
CA ALA A 433 8.66 -2.98 17.64
C ALA A 433 8.70 -3.60 19.03
N ALA A 434 7.58 -3.60 19.72
CA ALA A 434 7.46 -4.29 21.00
C ALA A 434 7.73 -5.83 20.88
N LEU A 435 7.35 -6.53 19.81
CA LEU A 435 7.79 -7.95 19.59
C LEU A 435 9.08 -8.02 18.81
N HIS A 436 9.79 -6.88 18.62
CA HIS A 436 11.09 -6.99 17.89
C HIS A 436 10.98 -8.09 16.74
N LEU A 437 9.91 -7.96 15.94
CA LEU A 437 9.86 -8.48 14.57
C LEU A 437 10.56 -7.43 13.68
PG ANP B . -1.48 1.04 2.91
O1G ANP B . -0.02 1.06 2.34
O2G ANP B . -2.01 2.21 3.74
O3G ANP B . -1.72 -0.27 3.67
PB ANP B . -2.34 0.07 0.28
O1B ANP B . -0.81 -0.03 -0.06
O2B ANP B . -3.26 0.69 -0.86
N3B ANP B . -2.58 1.01 1.63
PA ANP B . -2.61 -2.69 1.18
O1A ANP B . -2.44 -3.68 0.11
O2A ANP B . -1.43 -2.40 2.11
O3A ANP B . -3.18 -1.28 0.54
O5' ANP B . -3.84 -3.14 2.04
C5' ANP B . -4.11 -2.45 3.26
C4' ANP B . -5.43 -2.74 3.91
O4' ANP B . -6.53 -2.65 2.96
C3' ANP B . -5.51 -4.14 4.55
O3' ANP B . -6.52 -4.04 5.59
C2' ANP B . -6.12 -4.85 3.42
O2' ANP B . -6.75 -6.03 3.81
C1' ANP B . -7.20 -3.87 2.83
N9 ANP B . -7.47 -4.20 1.42
C8 ANP B . -6.52 -4.32 0.50
N7 ANP B . -7.05 -4.57 -0.71
C5 ANP B . -8.42 -4.63 -0.47
C6 ANP B . -9.48 -4.89 -1.28
N6 ANP B . -9.34 -5.12 -2.61
N1 ANP B . -10.71 -4.87 -0.78
C2 ANP B . -10.89 -4.65 0.52
N3 ANP B . -9.92 -4.39 1.37
C4 ANP B . -8.64 -4.41 0.86
MN MN C . 0.72 1.22 0.52
C1 GOL D . -5.38 -21.15 -20.82
O1 GOL D . -5.01 -21.21 -19.44
C2 GOL D . -6.54 -22.11 -21.22
O2 GOL D . -7.91 -21.67 -21.04
C3 GOL D . -6.41 -22.33 -22.71
O3 GOL D . -5.65 -21.27 -23.24
C1 GOL E . -18.58 -0.45 5.75
O1 GOL E . -19.84 -0.64 6.37
C2 GOL E . -18.61 -0.71 4.23
O2 GOL E . -18.39 -2.09 3.93
C3 GOL E . -17.54 0.14 3.54
O3 GOL E . -17.21 -0.36 2.25
N GLU F . -6.70 8.62 0.05
CA GLU F . -6.53 8.02 -1.30
C GLU F . -5.28 8.38 -2.04
O GLU F . -5.20 9.19 -2.95
CB GLU F . -7.72 8.28 -2.15
CG GLU F . -8.79 7.63 -1.58
CD GLU F . -9.45 8.51 -0.59
OE1 GLU F . -10.25 7.91 0.08
OE2 GLU F . -9.19 9.77 -0.46
OXT GLU F . -4.36 7.64 -1.68
#